data_6BX7
#
_entry.id   6BX7
#
_cell.length_a   146.981
_cell.length_b   146.981
_cell.length_c   147.686
_cell.angle_alpha   90.00
_cell.angle_beta   90.00
_cell.angle_gamma   120.00
#
_symmetry.space_group_name_H-M   'P 61 2 2'
#
loop_
_entity.id
_entity.type
_entity.pdbx_description
1 polymer Protocadherin-1
2 non-polymer '4-(2-HYDROXYETHYL)-1-PIPERAZINE ETHANESULFONIC ACID'
3 non-polymer 'CALCIUM ION'
4 water water
#
_entity_poly.entity_id   1
_entity_poly.type   'polypeptide(L)'
_entity_poly.pdbx_seq_one_letter_code
;MTRVVYKVPEEQPPNTLIGSLAADYGFPDVGHLYKLEVGAPYLRVDGKTGDIFTTETSIDREGLRECQNQLPGDPCILEF
EVSITDLVQNGSPRLLEGQIEVQDINDNTPNFASPVITLAIPENTNIGSLFPIPLASDRDAGPNGVASYELQAGPEAQEL
FGLQVAEDQEEKQPQLIVMGNLDRERWDSYDLTIKVQDGGSPPRASSALLRVTVLDTNDNAPKFERPSYEAELSENSPIG
HSVIQVKANDSDQGANAEIEYTFHQAPEVVRRLLRLDRNTGLITVQGPVDREDLSTLRFSVLAKDRGTNPKSARAQVVVT
VKDMNDNAPTIEIRGIGLVTHQDGMANISEDVAEETAVALVQVSDRDEGENAAVTCVVAGDVPFQLRQASETGSDSKKKY
FLQTTTPLDYEKVKDYTIEIVAVDSGNPPLSSTNSLKVQVVDVNDNALEHHHHHH
;
_entity_poly.pdbx_strand_id   A
#
# COMPACT_ATOMS: atom_id res chain seq x y z
N VAL A 4 -8.99 18.93 -70.98
CA VAL A 4 -9.65 17.61 -70.59
C VAL A 4 -8.68 16.80 -69.69
N VAL A 5 -9.18 15.70 -69.09
CA VAL A 5 -8.50 14.93 -67.98
C VAL A 5 -7.39 14.02 -68.53
N TYR A 6 -6.62 13.45 -67.59
CA TYR A 6 -5.61 12.41 -67.87
C TYR A 6 -5.23 11.62 -66.59
N LYS A 7 -5.52 10.32 -66.56
CA LYS A 7 -5.20 9.43 -65.41
C LYS A 7 -3.77 8.88 -65.55
N VAL A 8 -2.88 9.25 -64.63
CA VAL A 8 -1.48 8.83 -64.66
C VAL A 8 -1.05 8.38 -63.26
N PRO A 9 -0.55 7.14 -63.10
CA PRO A 9 0.13 6.72 -61.87
C PRO A 9 1.29 7.65 -61.45
N GLU A 10 1.43 7.83 -60.14
CA GLU A 10 2.52 8.59 -59.55
C GLU A 10 3.85 7.82 -59.66
N GLU A 11 4.92 8.54 -59.34
CA GLU A 11 6.31 8.07 -59.23
C GLU A 11 6.66 7.11 -60.39
N GLN A 12 6.21 7.43 -61.62
CA GLN A 12 6.56 6.67 -62.83
C GLN A 12 7.90 7.16 -63.36
N PRO A 13 8.67 6.33 -64.10
CA PRO A 13 10.02 6.69 -64.51
C PRO A 13 9.99 7.78 -65.60
N PRO A 14 10.99 8.69 -65.61
CA PRO A 14 11.02 9.79 -66.57
C PRO A 14 10.67 9.37 -68.01
N ASN A 15 9.87 10.19 -68.68
CA ASN A 15 9.57 10.07 -70.12
C ASN A 15 8.52 8.99 -70.38
N THR A 16 7.63 8.78 -69.41
CA THR A 16 6.48 7.93 -69.62
C THR A 16 5.42 8.74 -70.38
N LEU A 17 4.83 8.14 -71.42
CA LEU A 17 3.82 8.81 -72.24
C LEU A 17 2.54 8.94 -71.40
N ILE A 18 2.07 10.17 -71.12
CA ILE A 18 0.77 10.30 -70.39
C ILE A 18 -0.37 10.53 -71.39
N GLY A 19 -0.02 10.90 -72.62
CA GLY A 19 -0.94 10.82 -73.74
C GLY A 19 -0.60 11.79 -74.85
N SER A 20 -1.56 11.97 -75.75
CA SER A 20 -1.58 12.99 -76.78
C SER A 20 -3.03 13.24 -77.24
N LEU A 21 -3.19 14.27 -78.07
CA LEU A 21 -4.45 14.98 -78.30
C LEU A 21 -5.47 14.17 -79.13
N ALA A 22 -6.48 13.66 -78.42
CA ALA A 22 -7.79 13.31 -78.95
C ALA A 22 -8.51 14.57 -79.43
N ALA A 23 -7.96 15.75 -79.07
CA ALA A 23 -8.37 17.09 -79.58
C ALA A 23 -7.42 17.54 -80.71
N ASP A 24 -7.66 18.74 -81.26
CA ASP A 24 -7.09 19.18 -82.55
C ASP A 24 -7.58 18.20 -83.62
N LEU A 33 2.53 24.60 -83.41
CA LEU A 33 3.33 24.46 -82.17
C LEU A 33 2.44 24.29 -80.92
N TYR A 34 2.63 23.14 -80.25
CA TYR A 34 2.14 22.86 -78.90
C TYR A 34 3.20 23.30 -77.88
N LYS A 35 2.85 24.25 -76.98
CA LYS A 35 3.81 24.68 -75.96
C LYS A 35 3.21 24.56 -74.55
N LEU A 36 4.05 24.08 -73.62
CA LEU A 36 3.71 23.93 -72.19
C LEU A 36 3.89 25.28 -71.48
N GLU A 37 2.76 25.90 -71.14
CA GLU A 37 2.71 27.17 -70.43
C GLU A 37 2.70 26.91 -68.92
N VAL A 38 1.97 25.88 -68.47
CA VAL A 38 1.88 25.65 -67.03
C VAL A 38 2.00 24.15 -66.72
N GLY A 39 2.64 23.84 -65.60
CA GLY A 39 2.80 22.45 -65.12
C GLY A 39 4.28 22.08 -65.08
N ALA A 40 5.10 23.10 -64.86
CA ALA A 40 6.38 23.23 -65.51
C ALA A 40 7.35 22.16 -65.03
N PRO A 41 7.61 21.93 -63.72
CA PRO A 41 8.62 20.93 -63.34
C PRO A 41 8.29 19.48 -63.76
N TYR A 42 7.00 19.13 -63.86
CA TYR A 42 6.57 17.74 -63.87
C TYR A 42 6.25 17.20 -65.27
N LEU A 43 5.85 18.05 -66.21
CA LEU A 43 5.46 17.60 -67.55
C LEU A 43 6.40 18.18 -68.61
N ARG A 44 6.48 17.48 -69.75
CA ARG A 44 7.13 17.98 -70.99
C ARG A 44 6.20 17.65 -72.16
N VAL A 45 6.05 18.61 -73.08
CA VAL A 45 5.33 18.38 -74.36
C VAL A 45 6.32 18.51 -75.53
N ASP A 46 5.98 17.82 -76.62
CA ASP A 46 6.62 18.00 -77.92
C ASP A 46 5.60 18.68 -78.87
N GLY A 47 6.12 19.61 -79.69
CA GLY A 47 5.37 20.35 -80.70
C GLY A 47 5.26 19.58 -82.02
N LYS A 48 4.17 19.90 -82.76
CA LYS A 48 3.70 19.27 -84.05
C LYS A 48 2.91 17.96 -83.78
N THR A 49 3.03 17.42 -82.54
CA THR A 49 2.44 16.11 -82.09
C THR A 49 1.34 16.29 -81.03
N GLY A 50 1.63 17.10 -79.99
CA GLY A 50 0.68 17.38 -78.87
C GLY A 50 0.69 16.29 -77.81
N ASP A 51 1.83 15.57 -77.78
CA ASP A 51 2.04 14.39 -76.95
C ASP A 51 2.89 14.81 -75.74
N ILE A 52 2.58 14.21 -74.57
CA ILE A 52 2.86 14.83 -73.26
C ILE A 52 3.39 13.75 -72.29
N PHE A 53 4.57 14.01 -71.71
CA PHE A 53 5.32 12.98 -70.97
C PHE A 53 5.86 13.54 -69.63
N THR A 54 6.24 12.60 -68.75
CA THR A 54 6.77 12.89 -67.39
C THR A 54 8.28 13.17 -67.48
N THR A 55 8.84 13.73 -66.41
CA THR A 55 10.20 14.26 -66.42
C THR A 55 11.02 13.64 -65.28
N GLU A 56 12.21 14.21 -65.07
CA GLU A 56 13.18 13.77 -64.08
C GLU A 56 12.74 14.24 -62.69
N THR A 57 11.72 15.11 -62.62
CA THR A 57 10.93 15.36 -61.39
C THR A 57 9.65 14.53 -61.44
N SER A 58 9.55 13.59 -60.51
CA SER A 58 8.45 12.65 -60.53
C SER A 58 7.28 13.25 -59.76
N ILE A 59 6.08 13.02 -60.30
CA ILE A 59 4.85 13.37 -59.65
C ILE A 59 4.67 12.43 -58.45
N ASP A 60 4.71 12.99 -57.23
CA ASP A 60 4.50 12.21 -56.02
C ASP A 60 3.16 12.62 -55.40
N ARG A 61 2.21 11.68 -55.40
CA ARG A 61 0.88 11.94 -54.93
C ARG A 61 0.87 12.45 -53.47
N GLU A 62 1.89 12.12 -52.67
CA GLU A 62 1.90 12.53 -51.27
C GLU A 62 2.72 13.80 -51.10
N GLY A 63 3.39 14.24 -52.17
CA GLY A 63 4.34 15.35 -52.16
C GLY A 63 3.73 16.65 -52.66
N LEU A 64 2.84 16.56 -53.66
CA LEU A 64 2.22 17.73 -54.27
C LEU A 64 1.53 18.58 -53.20
N ARG A 65 1.68 19.91 -53.32
CA ARG A 65 1.10 20.94 -52.40
C ARG A 65 -0.44 20.87 -52.49
N GLU A 66 -0.91 20.73 -53.73
CA GLU A 66 -2.32 20.78 -54.12
C GLU A 66 -3.12 19.69 -53.39
N CYS A 67 -2.47 18.57 -53.06
CA CYS A 67 -3.13 17.34 -52.60
C CYS A 67 -2.78 17.05 -51.14
N GLN A 68 -2.84 18.06 -50.26
CA GLN A 68 -2.36 17.87 -48.90
C GLN A 68 -3.52 17.40 -48.00
N ASN A 69 -4.39 18.33 -47.57
CA ASN A 69 -5.43 18.02 -46.59
C ASN A 69 -6.74 17.67 -47.32
N GLN A 70 -6.69 16.66 -48.20
CA GLN A 70 -7.86 16.21 -48.97
C GLN A 70 -8.66 15.19 -48.16
N LEU A 71 -10.00 15.25 -48.25
CA LEU A 71 -10.88 14.25 -47.63
C LEU A 71 -10.86 12.96 -48.47
N PRO A 72 -11.06 11.76 -47.86
CA PRO A 72 -10.88 10.49 -48.58
C PRO A 72 -11.85 10.34 -49.76
N GLY A 73 -11.31 10.11 -50.96
CA GLY A 73 -12.11 9.85 -52.18
C GLY A 73 -12.12 11.01 -53.16
N ASP A 74 -11.45 12.13 -52.79
CA ASP A 74 -11.29 13.33 -53.65
C ASP A 74 -10.01 13.21 -54.47
N PRO A 75 -10.07 13.14 -55.82
CA PRO A 75 -8.88 12.87 -56.62
C PRO A 75 -7.80 13.94 -56.41
N CYS A 76 -6.53 13.55 -56.58
CA CYS A 76 -5.41 14.46 -56.56
C CYS A 76 -5.13 14.87 -58.01
N ILE A 77 -5.39 16.15 -58.27
CA ILE A 77 -5.42 16.72 -59.58
C ILE A 77 -4.26 17.72 -59.68
N LEU A 78 -3.35 17.46 -60.61
CA LEU A 78 -2.31 18.38 -60.96
C LEU A 78 -2.76 19.10 -62.24
N GLU A 79 -2.72 20.45 -62.22
CA GLU A 79 -3.25 21.29 -63.29
C GLU A 79 -2.12 21.83 -64.17
N PHE A 80 -2.43 21.94 -65.47
CA PHE A 80 -1.46 22.36 -66.48
C PHE A 80 -2.17 23.03 -67.66
N GLU A 81 -1.42 23.87 -68.38
CA GLU A 81 -1.84 24.61 -69.56
C GLU A 81 -0.83 24.41 -70.68
N VAL A 82 -1.32 24.07 -71.88
CA VAL A 82 -0.55 24.14 -73.15
C VAL A 82 -1.32 25.01 -74.16
N SER A 83 -0.55 25.74 -74.98
CA SER A 83 -1.07 26.71 -75.95
C SER A 83 -0.78 26.24 -77.38
N ILE A 84 -1.87 26.03 -78.15
CA ILE A 84 -1.82 25.77 -79.60
C ILE A 84 -1.50 27.09 -80.31
N THR A 85 -0.28 27.22 -80.82
CA THR A 85 0.23 28.49 -81.34
C THR A 85 0.74 28.33 -82.78
N ASP A 86 0.13 27.44 -83.58
CA ASP A 86 0.33 27.48 -85.04
C ASP A 86 -0.90 26.95 -85.80
N LEU A 87 -1.18 27.64 -86.91
CA LEU A 87 -2.32 27.40 -87.80
C LEU A 87 -1.95 28.00 -89.18
N VAL A 88 -0.78 27.61 -89.72
CA VAL A 88 -0.16 28.20 -90.95
C VAL A 88 0.09 29.70 -90.70
N GLN A 89 0.55 30.01 -89.48
CA GLN A 89 0.73 31.39 -88.92
C GLN A 89 -0.44 32.30 -89.29
N ASN A 90 -1.65 31.81 -88.98
CA ASN A 90 -2.92 32.47 -89.21
C ASN A 90 -3.45 32.97 -87.86
N GLY A 91 -3.99 32.06 -87.05
CA GLY A 91 -4.74 32.40 -85.84
C GLY A 91 -3.86 32.99 -84.75
N SER A 92 -4.50 33.71 -83.83
CA SER A 92 -3.96 33.97 -82.48
C SER A 92 -4.20 32.73 -81.64
N PRO A 93 -3.36 32.44 -80.64
CA PRO A 93 -3.37 31.11 -80.00
C PRO A 93 -4.66 30.78 -79.23
N ARG A 94 -5.00 29.48 -79.24
CA ARG A 94 -5.99 28.88 -78.35
C ARG A 94 -5.23 28.04 -77.31
N LEU A 95 -5.56 28.22 -76.03
CA LEU A 95 -4.96 27.43 -74.96
C LEU A 95 -5.92 26.31 -74.57
N LEU A 96 -5.36 25.24 -74.01
CA LEU A 96 -6.18 24.20 -73.43
C LEU A 96 -5.69 23.89 -72.01
N GLU A 97 -6.63 24.06 -71.08
CA GLU A 97 -6.43 23.94 -69.66
C GLU A 97 -6.71 22.48 -69.30
N GLY A 98 -5.63 21.71 -69.13
CA GLY A 98 -5.74 20.30 -68.85
C GLY A 98 -5.71 20.01 -67.35
N GLN A 99 -6.10 18.77 -67.03
CA GLN A 99 -6.13 18.23 -65.68
C GLN A 99 -5.50 16.82 -65.71
N ILE A 100 -4.42 16.60 -64.94
CA ILE A 100 -3.92 15.22 -64.80
C ILE A 100 -4.23 14.72 -63.38
N GLU A 101 -4.99 13.61 -63.31
CA GLU A 101 -5.43 12.99 -62.06
C GLU A 101 -4.41 11.91 -61.69
N VAL A 102 -3.70 12.13 -60.57
CA VAL A 102 -2.59 11.26 -60.23
C VAL A 102 -3.15 10.05 -59.50
N GLN A 103 -2.88 8.87 -60.07
CA GLN A 103 -3.27 7.61 -59.46
C GLN A 103 -2.29 7.34 -58.32
N ASP A 104 -2.75 6.61 -57.30
CA ASP A 104 -1.96 6.25 -56.12
C ASP A 104 -1.39 4.85 -56.30
N ILE A 105 -0.08 4.69 -56.07
CA ILE A 105 0.56 3.37 -55.88
C ILE A 105 0.91 3.20 -54.39
N ASN A 106 1.09 1.95 -53.96
CA ASN A 106 1.37 1.63 -52.58
C ASN A 106 2.87 1.83 -52.29
N ASP A 107 3.30 3.08 -52.17
CA ASP A 107 4.72 3.39 -51.99
C ASP A 107 4.98 3.92 -50.57
N ASN A 108 4.06 3.67 -49.62
CA ASN A 108 4.21 4.12 -48.23
C ASN A 108 3.78 3.03 -47.26
N THR A 109 4.59 2.86 -46.21
CA THR A 109 4.39 1.82 -45.23
C THR A 109 3.53 2.34 -44.10
N PRO A 110 2.55 1.58 -43.59
CA PRO A 110 1.81 1.97 -42.40
C PRO A 110 2.71 1.97 -41.17
N ASN A 111 2.53 2.98 -40.30
CA ASN A 111 3.47 3.27 -39.27
C ASN A 111 2.72 3.62 -37.99
N PHE A 112 3.21 3.10 -36.86
CA PHE A 112 2.83 3.58 -35.57
C PHE A 112 3.69 4.78 -35.21
N ALA A 113 3.15 5.66 -34.36
CA ALA A 113 3.85 6.88 -34.00
C ALA A 113 5.16 6.53 -33.25
N SER A 114 5.05 5.58 -32.32
CA SER A 114 6.18 5.04 -31.59
C SER A 114 6.26 3.53 -31.81
N PRO A 115 7.47 2.95 -31.89
CA PRO A 115 7.64 1.50 -32.05
C PRO A 115 7.47 0.68 -30.77
N VAL A 116 7.40 1.39 -29.64
CA VAL A 116 7.02 0.79 -28.38
C VAL A 116 5.77 1.53 -27.89
N ILE A 117 4.74 0.76 -27.56
CA ILE A 117 3.41 1.17 -27.17
C ILE A 117 3.13 0.52 -25.82
N THR A 118 2.51 1.28 -24.92
CA THR A 118 2.61 0.98 -23.53
C THR A 118 1.22 1.11 -22.89
N LEU A 119 0.56 -0.03 -22.63
CA LEU A 119 -0.81 -0.09 -22.08
C LEU A 119 -0.80 -0.48 -20.61
N ALA A 120 -1.52 0.27 -19.79
CA ALA A 120 -1.68 -0.03 -18.41
C ALA A 120 -3.09 -0.59 -18.20
N ILE A 121 -3.18 -1.86 -17.83
CA ILE A 121 -4.46 -2.48 -17.61
C ILE A 121 -4.54 -2.86 -16.14
N PRO A 122 -5.55 -2.42 -15.37
CA PRO A 122 -5.65 -2.84 -13.97
C PRO A 122 -5.86 -4.35 -13.83
N GLU A 123 -5.29 -4.89 -12.75
CA GLU A 123 -5.53 -6.18 -12.17
C GLU A 123 -7.03 -6.47 -12.10
N ASN A 124 -7.42 -7.73 -12.33
CA ASN A 124 -8.82 -8.20 -12.08
C ASN A 124 -9.85 -7.44 -12.93
N THR A 125 -9.40 -6.92 -14.07
CA THR A 125 -10.24 -6.21 -14.98
C THR A 125 -11.18 -7.27 -15.57
N ASN A 126 -12.46 -6.93 -15.73
CA ASN A 126 -13.47 -7.91 -16.08
C ASN A 126 -13.16 -8.41 -17.49
N ILE A 127 -13.34 -9.72 -17.68
CA ILE A 127 -13.15 -10.33 -18.98
C ILE A 127 -14.11 -9.66 -19.97
N GLY A 128 -13.62 -9.37 -21.17
CA GLY A 128 -14.36 -8.65 -22.17
C GLY A 128 -13.94 -7.19 -22.26
N SER A 129 -13.19 -6.69 -21.29
CA SER A 129 -12.88 -5.28 -21.29
C SER A 129 -12.02 -4.93 -22.49
N LEU A 130 -12.32 -3.76 -23.07
CA LEU A 130 -11.67 -3.22 -24.24
C LEU A 130 -10.71 -2.11 -23.84
N PHE A 131 -9.57 -2.05 -24.52
CA PHE A 131 -8.62 -0.98 -24.32
C PHE A 131 -8.05 -0.55 -25.67
N PRO A 132 -8.10 0.77 -25.99
CA PRO A 132 -7.64 1.26 -27.28
C PRO A 132 -6.12 1.18 -27.48
N ILE A 133 -5.72 0.74 -28.68
CA ILE A 133 -4.33 0.69 -29.13
C ILE A 133 -4.13 1.88 -30.08
N PRO A 134 -3.03 2.64 -29.98
CA PRO A 134 -2.81 3.75 -30.91
C PRO A 134 -2.92 3.29 -32.37
N LEU A 135 -3.59 4.12 -33.18
CA LEU A 135 -3.76 3.89 -34.60
C LEU A 135 -2.41 3.95 -35.30
N ALA A 136 -2.19 3.04 -36.25
CA ALA A 136 -1.17 3.23 -37.27
C ALA A 136 -1.72 4.16 -38.35
N SER A 137 -0.84 4.88 -39.05
CA SER A 137 -1.25 5.69 -40.20
C SER A 137 -0.31 5.43 -41.39
N ASP A 138 -0.82 5.77 -42.59
CA ASP A 138 -0.29 5.36 -43.89
C ASP A 138 -0.63 6.46 -44.90
N ARG A 139 0.38 7.02 -45.56
CA ARG A 139 0.21 8.24 -46.35
C ARG A 139 -0.48 7.93 -47.68
N ASP A 140 -0.65 6.64 -48.00
CA ASP A 140 -1.33 6.23 -49.24
C ASP A 140 -2.83 6.33 -49.05
N ALA A 141 -3.58 6.05 -50.12
CA ALA A 141 -4.98 6.35 -50.17
C ALA A 141 -5.81 5.09 -50.44
N GLY A 142 -7.00 5.06 -49.81
CA GLY A 142 -8.01 4.03 -50.01
C GLY A 142 -7.48 2.65 -49.66
N PRO A 143 -7.53 1.69 -50.62
CA PRO A 143 -7.09 0.32 -50.36
C PRO A 143 -5.60 0.21 -50.02
N ASN A 144 -4.78 1.19 -50.41
CA ASN A 144 -3.33 1.15 -50.20
C ASN A 144 -2.94 1.66 -48.80
N GLY A 145 -3.93 2.06 -48.00
CA GLY A 145 -3.71 2.42 -46.59
C GLY A 145 -4.04 1.28 -45.64
N VAL A 146 -4.03 1.57 -44.34
CA VAL A 146 -4.19 0.53 -43.28
C VAL A 146 -5.32 -0.43 -43.65
N ALA A 147 -5.03 -1.75 -43.58
CA ALA A 147 -5.99 -2.79 -43.89
C ALA A 147 -6.33 -3.61 -42.65
N SER A 148 -5.30 -4.01 -41.89
CA SER A 148 -5.50 -4.97 -40.83
C SER A 148 -4.50 -4.76 -39.70
N TYR A 149 -4.90 -5.21 -38.50
CA TYR A 149 -4.05 -5.25 -37.33
C TYR A 149 -3.96 -6.70 -36.89
N GLU A 150 -2.78 -7.11 -36.42
CA GLU A 150 -2.55 -8.47 -36.00
C GLU A 150 -1.82 -8.45 -34.66
N LEU A 151 -2.33 -9.25 -33.72
CA LEU A 151 -1.72 -9.39 -32.42
C LEU A 151 -0.92 -10.68 -32.34
N GLN A 152 0.40 -10.58 -32.14
CA GLN A 152 1.35 -11.72 -32.02
C GLN A 152 1.80 -11.80 -30.56
N ALA A 153 1.59 -12.94 -29.92
CA ALA A 153 1.80 -13.07 -28.48
C ALA A 153 2.32 -14.46 -28.16
N GLY A 154 3.01 -14.61 -27.02
CA GLY A 154 3.45 -15.91 -26.56
C GLY A 154 2.27 -16.74 -26.04
N PRO A 155 2.37 -18.09 -26.06
CA PRO A 155 1.30 -18.94 -25.55
C PRO A 155 0.53 -18.40 -24.33
N GLU A 156 1.24 -18.08 -23.24
CA GLU A 156 0.64 -17.54 -22.00
C GLU A 156 -0.26 -16.34 -22.31
N ALA A 157 0.28 -15.42 -23.11
CA ALA A 157 -0.36 -14.14 -23.35
C ALA A 157 -1.50 -14.28 -24.36
N GLN A 158 -1.33 -15.18 -25.35
CA GLN A 158 -2.35 -15.47 -26.36
C GLN A 158 -3.71 -15.66 -25.65
N GLU A 159 -3.72 -16.29 -24.48
CA GLU A 159 -4.95 -16.64 -23.85
C GLU A 159 -5.51 -15.46 -23.06
N LEU A 160 -4.66 -14.49 -22.72
CA LEU A 160 -5.07 -13.34 -21.87
C LEU A 160 -5.57 -12.16 -22.71
N PHE A 161 -5.04 -12.00 -23.92
CA PHE A 161 -5.32 -10.81 -24.69
C PHE A 161 -5.80 -11.17 -26.10
N GLY A 162 -6.95 -10.60 -26.48
CA GLY A 162 -7.42 -10.67 -27.87
C GLY A 162 -7.24 -9.33 -28.54
N LEU A 163 -7.63 -9.25 -29.80
CA LEU A 163 -7.60 -8.01 -30.58
C LEU A 163 -8.88 -7.87 -31.37
N GLN A 164 -9.45 -6.67 -31.29
CA GLN A 164 -10.68 -6.35 -31.96
C GLN A 164 -10.47 -5.06 -32.74
N VAL A 165 -11.20 -4.86 -33.83
CA VAL A 165 -11.15 -3.56 -34.48
C VAL A 165 -12.58 -3.03 -34.56
N ALA A 166 -12.76 -1.77 -34.14
CA ALA A 166 -14.04 -1.07 -34.30
C ALA A 166 -13.99 -0.23 -35.59
N GLU A 167 -14.91 -0.55 -36.52
CA GLU A 167 -15.09 0.16 -37.81
C GLU A 167 -16.13 1.30 -37.66
N ASP A 168 -16.46 1.62 -36.40
CA ASP A 168 -17.50 2.58 -35.99
C ASP A 168 -17.15 4.01 -36.43
N GLN A 169 -15.90 4.42 -36.20
CA GLN A 169 -15.43 5.77 -36.52
C GLN A 169 -15.23 5.95 -38.03
N GLU A 170 -15.37 4.85 -38.79
CA GLU A 170 -15.18 4.67 -40.26
C GLU A 170 -13.67 4.65 -40.59
N GLU A 171 -12.86 4.88 -39.55
CA GLU A 171 -11.42 4.66 -39.46
C GLU A 171 -11.17 3.60 -38.37
N LYS A 172 -10.41 2.56 -38.74
CA LYS A 172 -10.24 1.35 -37.96
C LYS A 172 -9.60 1.73 -36.63
N GLN A 173 -10.33 1.51 -35.51
CA GLN A 173 -9.72 1.67 -34.19
C GLN A 173 -9.51 0.29 -33.58
N PRO A 174 -8.23 -0.14 -33.42
CA PRO A 174 -7.91 -1.43 -32.81
C PRO A 174 -7.96 -1.36 -31.28
N GLN A 175 -8.28 -2.50 -30.68
CA GLN A 175 -8.52 -2.62 -29.27
C GLN A 175 -8.00 -3.96 -28.74
N LEU A 176 -7.29 -3.91 -27.60
CA LEU A 176 -7.02 -5.08 -26.79
C LEU A 176 -8.29 -5.49 -26.05
N ILE A 177 -8.60 -6.79 -26.07
CA ILE A 177 -9.64 -7.39 -25.28
C ILE A 177 -8.97 -8.17 -24.14
N VAL A 178 -9.35 -7.92 -22.88
CA VAL A 178 -8.78 -8.81 -21.86
C VAL A 178 -9.72 -10.01 -21.76
N MET A 179 -9.12 -11.20 -21.69
CA MET A 179 -9.87 -12.39 -21.84
C MET A 179 -9.66 -13.37 -20.69
N GLY A 180 -8.78 -13.02 -19.76
CA GLY A 180 -8.58 -13.81 -18.55
C GLY A 180 -8.20 -12.91 -17.40
N ASN A 181 -8.18 -13.47 -16.20
CA ASN A 181 -7.87 -12.65 -15.09
C ASN A 181 -6.38 -12.31 -15.12
N LEU A 182 -6.08 -11.02 -14.91
CA LEU A 182 -4.75 -10.58 -14.58
C LEU A 182 -4.63 -10.38 -13.06
N ASP A 183 -3.47 -10.81 -12.54
CA ASP A 183 -3.07 -10.67 -11.16
C ASP A 183 -1.64 -10.13 -11.10
N ARG A 184 -1.50 -8.95 -10.49
CA ARG A 184 -0.27 -8.23 -10.52
C ARG A 184 0.75 -8.98 -9.68
N GLU A 185 0.25 -9.63 -8.61
CA GLU A 185 1.08 -10.29 -7.64
C GLU A 185 1.61 -11.62 -8.19
N ARG A 186 0.96 -12.16 -9.22
CA ARG A 186 1.41 -13.32 -10.00
C ARG A 186 2.32 -12.83 -11.13
N TRP A 187 1.85 -11.92 -12.00
CA TRP A 187 2.69 -11.46 -13.13
C TRP A 187 2.20 -10.11 -13.64
N ASP A 188 3.14 -9.19 -13.86
CA ASP A 188 2.81 -7.77 -13.99
C ASP A 188 3.36 -7.11 -15.27
N SER A 189 3.83 -7.88 -16.26
CA SER A 189 4.33 -7.33 -17.53
C SER A 189 4.15 -8.35 -18.65
N TYR A 190 3.47 -7.96 -19.73
CA TYR A 190 3.37 -8.82 -20.89
C TYR A 190 3.87 -8.09 -22.13
N ASP A 191 4.66 -8.80 -22.94
CA ASP A 191 5.15 -8.36 -24.23
C ASP A 191 4.38 -9.00 -25.38
N LEU A 192 3.56 -8.19 -26.07
CA LEU A 192 2.92 -8.61 -27.30
C LEU A 192 3.50 -7.77 -28.45
N THR A 193 3.38 -8.27 -29.67
CA THR A 193 3.67 -7.46 -30.84
C THR A 193 2.34 -7.16 -31.53
N ILE A 194 2.18 -5.90 -31.98
CA ILE A 194 1.06 -5.49 -32.83
C ILE A 194 1.63 -5.20 -34.23
N LYS A 195 1.03 -5.82 -35.24
CA LYS A 195 1.49 -5.70 -36.62
C LYS A 195 0.40 -5.03 -37.46
N VAL A 196 0.79 -4.01 -38.20
CA VAL A 196 -0.13 -3.32 -39.05
C VAL A 196 0.28 -3.58 -40.50
N GLN A 197 -0.72 -3.90 -41.33
CA GLN A 197 -0.54 -4.19 -42.72
C GLN A 197 -1.55 -3.40 -43.55
N ASP A 198 -1.09 -2.92 -44.71
CA ASP A 198 -1.97 -2.26 -45.67
C ASP A 198 -2.51 -3.28 -46.68
N GLY A 199 -3.35 -2.76 -47.56
CA GLY A 199 -4.12 -3.56 -48.52
C GLY A 199 -3.61 -3.37 -49.94
N GLY A 200 -2.33 -3.02 -50.06
CA GLY A 200 -1.66 -3.06 -51.31
C GLY A 200 -1.19 -4.47 -51.64
N SER A 201 -0.87 -4.69 -52.92
CA SER A 201 -0.27 -5.92 -53.42
C SER A 201 1.03 -5.58 -54.12
N PRO A 202 2.17 -5.98 -53.57
CA PRO A 202 2.32 -6.58 -52.25
C PRO A 202 2.03 -5.64 -51.09
N PRO A 203 1.63 -6.17 -49.91
CA PRO A 203 1.36 -5.34 -48.75
C PRO A 203 2.65 -4.76 -48.19
N ARG A 204 2.54 -3.65 -47.49
CA ARG A 204 3.56 -3.18 -46.64
C ARG A 204 3.04 -3.28 -45.20
N ALA A 205 3.96 -3.47 -44.28
CA ALA A 205 3.65 -3.85 -42.95
C ALA A 205 4.68 -3.27 -42.00
N SER A 206 4.25 -3.14 -40.74
CA SER A 206 5.04 -2.52 -39.72
C SER A 206 4.63 -3.19 -38.40
N SER A 207 5.50 -3.14 -37.40
CA SER A 207 5.23 -3.76 -36.13
C SER A 207 5.54 -2.78 -35.02
N ALA A 208 4.95 -3.01 -33.86
CA ALA A 208 5.35 -2.33 -32.67
C ALA A 208 5.34 -3.32 -31.52
N LEU A 209 6.24 -3.08 -30.56
CA LEU A 209 6.17 -3.75 -29.29
C LEU A 209 5.03 -3.11 -28.51
N LEU A 210 4.10 -3.93 -28.06
CA LEU A 210 2.98 -3.54 -27.27
C LEU A 210 3.16 -4.17 -25.88
N ARG A 211 3.63 -3.37 -24.92
CA ARG A 211 3.71 -3.85 -23.54
C ARG A 211 2.39 -3.61 -22.81
N VAL A 212 1.87 -4.67 -22.20
CA VAL A 212 0.85 -4.48 -21.21
C VAL A 212 1.48 -4.52 -19.82
N THR A 213 1.34 -3.45 -19.03
CA THR A 213 1.72 -3.52 -17.62
C THR A 213 0.46 -3.61 -16.79
N VAL A 214 0.44 -4.56 -15.85
CA VAL A 214 -0.72 -4.79 -15.04
C VAL A 214 -0.68 -3.88 -13.83
N LEU A 215 -1.58 -2.89 -13.78
CA LEU A 215 -1.61 -1.91 -12.67
C LEU A 215 -2.12 -2.58 -11.40
N ASP A 216 -1.67 -2.09 -10.24
CA ASP A 216 -2.06 -2.66 -8.96
C ASP A 216 -3.46 -2.20 -8.58
N THR A 217 -4.20 -3.10 -7.95
CA THR A 217 -5.33 -2.69 -7.14
C THR A 217 -5.10 -3.23 -5.73
N ASN A 218 -5.73 -2.57 -4.76
CA ASN A 218 -5.62 -2.90 -3.40
C ASN A 218 -6.47 -4.13 -3.06
N ASP A 219 -6.11 -5.30 -3.61
CA ASP A 219 -6.87 -6.55 -3.46
C ASP A 219 -6.21 -7.48 -2.42
N ASN A 220 -5.33 -6.94 -1.58
CA ASN A 220 -4.68 -7.70 -0.54
C ASN A 220 -4.70 -6.94 0.78
N ALA A 221 -5.08 -7.64 1.85
CA ALA A 221 -5.04 -7.07 3.21
C ALA A 221 -3.71 -7.36 3.90
N PRO A 222 -3.25 -6.50 4.82
CA PRO A 222 -2.09 -6.82 5.64
C PRO A 222 -2.28 -8.15 6.41
N LYS A 223 -1.17 -8.84 6.65
CA LYS A 223 -1.14 -9.99 7.54
C LYS A 223 -0.01 -9.80 8.53
N PHE A 224 -0.32 -10.00 9.81
CA PHE A 224 0.71 -9.94 10.82
C PHE A 224 1.68 -11.10 10.66
N GLU A 225 2.92 -10.90 11.14
CA GLU A 225 3.93 -11.95 11.06
C GLU A 225 3.50 -13.10 11.96
N ARG A 226 2.92 -12.77 13.12
CA ARG A 226 2.35 -13.74 14.04
C ARG A 226 0.86 -13.45 14.23
N PRO A 227 -0.01 -14.46 14.45
CA PRO A 227 -1.41 -14.18 14.75
C PRO A 227 -1.62 -13.31 16.00
N SER A 228 -0.74 -13.51 16.97
CA SER A 228 -0.87 -13.07 18.32
C SER A 228 0.53 -12.84 18.90
N TYR A 229 0.68 -11.84 19.77
CA TYR A 229 1.96 -11.45 20.32
C TYR A 229 1.93 -11.48 21.85
N GLU A 230 3.03 -11.96 22.46
CA GLU A 230 3.25 -11.81 23.91
C GLU A 230 4.56 -11.05 24.15
N ALA A 231 4.69 -10.43 25.33
CA ALA A 231 5.97 -9.93 25.82
C ALA A 231 5.94 -9.78 27.33
N GLU A 232 7.10 -9.92 27.95
CA GLU A 232 7.27 -9.65 29.36
C GLU A 232 7.81 -8.23 29.48
N LEU A 233 7.32 -7.48 30.45
CA LEU A 233 7.77 -6.13 30.69
C LEU A 233 7.87 -5.90 32.21
N SER A 234 9.00 -5.36 32.65
CA SER A 234 9.22 -5.09 34.04
C SER A 234 8.38 -3.90 34.46
N GLU A 235 7.65 -4.06 35.57
CA GLU A 235 7.07 -2.93 36.30
C GLU A 235 8.14 -1.82 36.40
N ASN A 236 7.69 -0.57 36.28
CA ASN A 236 8.54 0.59 36.54
C ASN A 236 9.61 0.78 35.46
N SER A 237 9.44 0.19 34.27
CA SER A 237 10.39 0.41 33.14
C SER A 237 10.44 1.90 32.80
N PRO A 238 11.61 2.44 32.40
CA PRO A 238 11.71 3.88 32.12
C PRO A 238 10.93 4.28 30.86
N ILE A 239 10.56 5.55 30.76
CA ILE A 239 9.93 6.06 29.56
C ILE A 239 10.85 5.70 28.39
N GLY A 240 10.27 5.18 27.30
CA GLY A 240 11.01 4.91 26.08
C GLY A 240 11.41 3.46 25.94
N HIS A 241 11.33 2.67 27.03
CA HIS A 241 11.74 1.26 27.01
C HIS A 241 10.94 0.54 25.93
N SER A 242 11.64 -0.21 25.07
CA SER A 242 11.00 -0.97 23.98
C SER A 242 10.30 -2.19 24.57
N VAL A 243 9.04 -2.42 24.19
CA VAL A 243 8.22 -3.47 24.78
C VAL A 243 8.16 -4.65 23.82
N ILE A 244 7.75 -4.36 22.60
CA ILE A 244 7.60 -5.32 21.53
C ILE A 244 7.43 -4.55 20.23
N GLN A 245 7.79 -5.17 19.12
CA GLN A 245 7.51 -4.61 17.81
C GLN A 245 6.58 -5.57 17.08
N VAL A 246 5.39 -5.07 16.68
CA VAL A 246 4.51 -5.82 15.81
C VAL A 246 4.87 -5.46 14.38
N LYS A 247 4.62 -6.37 13.45
CA LYS A 247 4.81 -6.13 12.04
C LYS A 247 3.85 -6.96 11.19
N ALA A 248 3.27 -6.28 10.20
CA ALA A 248 2.43 -6.91 9.19
C ALA A 248 3.03 -6.69 7.81
N ASN A 249 2.68 -7.55 6.86
CA ASN A 249 3.07 -7.43 5.47
C ASN A 249 1.83 -7.32 4.56
N ASP A 250 2.02 -6.79 3.35
CA ASP A 250 0.94 -6.56 2.40
C ASP A 250 1.50 -6.79 0.99
N SER A 251 0.86 -7.62 0.18
CA SER A 251 1.53 -8.06 -1.03
C SER A 251 1.31 -7.08 -2.20
N ASP A 252 0.51 -6.00 -1.98
CA ASP A 252 0.16 -4.99 -2.99
C ASP A 252 1.37 -4.09 -3.25
N GLN A 253 1.18 -2.96 -3.93
CA GLN A 253 2.22 -2.04 -4.43
C GLN A 253 2.00 -0.65 -3.83
N GLY A 254 3.10 0.10 -3.71
CA GLY A 254 3.12 1.43 -3.11
C GLY A 254 2.19 1.54 -1.92
N ALA A 255 1.34 2.55 -1.98
CA ALA A 255 0.51 2.90 -0.85
C ALA A 255 -0.45 1.75 -0.52
N ASN A 256 -0.71 0.86 -1.46
CA ASN A 256 -1.64 -0.20 -1.17
C ASN A 256 -1.02 -1.21 -0.21
N ALA A 257 0.29 -1.10 -0.01
CA ALA A 257 0.96 -2.02 0.91
C ALA A 257 1.67 -1.29 2.05
N GLU A 258 1.68 0.06 2.01
CA GLU A 258 2.10 0.87 3.12
C GLU A 258 1.13 0.73 4.28
N ILE A 259 1.70 0.55 5.48
CA ILE A 259 0.96 0.10 6.64
C ILE A 259 1.08 1.10 7.79
N GLU A 260 -0.01 1.21 8.53
CA GLU A 260 -0.10 2.05 9.69
C GLU A 260 -0.60 1.22 10.86
N TYR A 261 0.10 1.30 11.98
CA TYR A 261 -0.26 0.57 13.16
C TYR A 261 -0.90 1.53 14.16
N THR A 262 -2.06 1.13 14.68
CA THR A 262 -2.79 1.89 15.70
C THR A 262 -3.42 0.89 16.67
N PHE A 263 -3.76 1.35 17.86
CA PHE A 263 -4.45 0.50 18.80
C PHE A 263 -5.82 0.19 18.21
N HIS A 264 -6.24 -1.07 18.27
CA HIS A 264 -7.62 -1.41 17.92
C HIS A 264 -8.47 -1.28 19.20
N GLN A 265 -8.62 -2.37 19.97
CA GLN A 265 -9.40 -2.31 21.19
C GLN A 265 -8.39 -2.18 22.32
N ALA A 266 -8.35 -1.01 22.97
CA ALA A 266 -7.29 -0.71 23.94
C ALA A 266 -7.79 0.31 24.95
N PRO A 267 -8.01 -0.10 26.20
CA PRO A 267 -8.57 0.79 27.21
C PRO A 267 -7.61 1.89 27.69
N GLU A 268 -8.15 2.98 28.26
CA GLU A 268 -7.38 4.19 28.59
C GLU A 268 -6.12 3.76 29.34
N VAL A 269 -6.33 2.88 30.31
CA VAL A 269 -5.30 2.40 31.22
C VAL A 269 -4.06 1.92 30.44
N VAL A 270 -4.28 1.26 29.31
CA VAL A 270 -3.20 0.76 28.48
C VAL A 270 -2.64 1.87 27.59
N ARG A 271 -3.50 2.75 27.10
CA ARG A 271 -3.10 3.77 26.14
C ARG A 271 -2.20 4.78 26.86
N ARG A 272 -2.47 4.98 28.15
CA ARG A 272 -1.71 5.84 29.05
C ARG A 272 -0.26 5.34 29.17
N LEU A 273 -0.07 4.02 29.27
CA LEU A 273 1.25 3.38 29.53
C LEU A 273 2.06 3.11 28.25
N LEU A 274 1.37 2.75 27.15
CA LEU A 274 2.04 2.27 25.95
C LEU A 274 1.82 3.24 24.78
N ARG A 275 2.90 3.43 24.02
CA ARG A 275 2.91 4.22 22.83
C ARG A 275 3.22 3.30 21.65
N LEU A 276 2.45 3.45 20.58
CA LEU A 276 2.59 2.63 19.41
C LEU A 276 2.84 3.53 18.20
N ASP A 277 4.05 3.45 17.65
CA ASP A 277 4.45 4.24 16.49
C ASP A 277 3.68 3.79 15.24
N ARG A 278 2.98 4.70 14.55
CA ARG A 278 2.18 4.30 13.37
C ARG A 278 3.02 3.58 12.29
N ASN A 279 4.29 3.97 12.15
CA ASN A 279 5.12 3.57 11.04
C ASN A 279 5.96 2.34 11.38
N THR A 280 6.47 2.22 12.62
CA THR A 280 7.42 1.19 12.93
C THR A 280 6.73 0.01 13.58
N GLY A 281 5.60 0.26 14.24
CA GLY A 281 4.85 -0.80 14.95
C GLY A 281 5.56 -1.22 16.22
N LEU A 282 6.50 -0.37 16.63
CA LEU A 282 7.23 -0.55 17.84
C LEU A 282 6.42 0.08 18.98
N ILE A 283 6.22 -0.71 20.05
CA ILE A 283 5.50 -0.28 21.21
C ILE A 283 6.51 0.06 22.32
N THR A 284 6.48 1.31 22.79
CA THR A 284 7.36 1.72 23.86
C THR A 284 6.55 2.19 25.09
N VAL A 285 7.25 2.30 26.22
CA VAL A 285 6.66 2.75 27.44
C VAL A 285 6.57 4.28 27.44
N GLN A 286 5.50 4.80 28.01
CA GLN A 286 5.06 6.19 27.89
C GLN A 286 4.52 6.68 29.23
N GLY A 287 4.25 5.74 30.15
CA GLY A 287 3.71 6.02 31.44
C GLY A 287 4.19 5.02 32.50
N PRO A 288 3.79 5.21 33.78
CA PRO A 288 4.31 4.39 34.87
C PRO A 288 3.65 3.02 34.99
N VAL A 289 4.34 1.96 34.54
CA VAL A 289 3.78 0.62 34.62
C VAL A 289 3.92 0.10 36.05
N ASP A 290 2.81 -0.45 36.55
CA ASP A 290 2.65 -0.81 37.95
C ASP A 290 1.88 -2.13 38.05
N ARG A 291 2.66 -3.19 38.28
CA ARG A 291 2.13 -4.50 38.36
C ARG A 291 1.00 -4.55 39.39
N GLU A 292 1.02 -3.64 40.36
CA GLU A 292 0.07 -3.69 41.47
C GLU A 292 -1.29 -3.09 41.06
N ASP A 293 -1.27 -2.21 40.07
CA ASP A 293 -2.49 -1.67 39.47
C ASP A 293 -2.95 -2.61 38.36
N LEU A 294 -2.03 -3.00 37.47
CA LEU A 294 -2.35 -3.90 36.35
C LEU A 294 -1.21 -4.87 36.08
N SER A 295 -1.48 -6.18 36.18
CA SER A 295 -0.47 -7.22 36.06
C SER A 295 -0.37 -7.78 34.63
N THR A 296 -1.29 -7.41 33.75
CA THR A 296 -1.24 -7.77 32.34
C THR A 296 -1.86 -6.67 31.50
N LEU A 297 -1.17 -6.23 30.46
CA LEU A 297 -1.77 -5.32 29.49
C LEU A 297 -2.29 -6.16 28.32
N ARG A 298 -3.60 -6.14 28.07
CA ARG A 298 -4.20 -6.91 26.96
C ARG A 298 -4.85 -5.91 26.00
N PHE A 299 -4.52 -6.01 24.71
CA PHE A 299 -5.00 -5.09 23.72
C PHE A 299 -4.75 -5.69 22.33
N SER A 300 -5.39 -5.08 21.33
CA SER A 300 -5.24 -5.45 19.94
C SER A 300 -4.57 -4.31 19.17
N VAL A 301 -3.86 -4.71 18.15
CA VAL A 301 -3.26 -3.78 17.30
C VAL A 301 -3.91 -3.95 15.93
N LEU A 302 -4.09 -2.81 15.27
CA LEU A 302 -4.66 -2.73 13.96
C LEU A 302 -3.57 -2.37 12.95
N ALA A 303 -3.38 -3.22 11.94
CA ALA A 303 -2.52 -2.90 10.82
C ALA A 303 -3.40 -2.61 9.62
N LYS A 304 -3.25 -1.41 9.05
CA LYS A 304 -4.15 -0.87 8.05
C LYS A 304 -3.32 -0.30 6.92
N ASP A 305 -3.68 -0.61 5.66
CA ASP A 305 -2.87 -0.17 4.53
C ASP A 305 -3.29 1.26 4.17
N ARG A 306 -2.59 1.87 3.21
CA ARG A 306 -2.90 3.26 2.89
C ARG A 306 -3.59 3.30 1.52
N GLY A 307 -4.32 2.23 1.21
CA GLY A 307 -5.21 2.21 0.07
C GLY A 307 -6.34 3.23 0.22
N THR A 308 -6.95 3.60 -0.91
CA THR A 308 -8.05 4.53 -0.96
C THR A 308 -9.19 4.01 -0.10
N ASN A 309 -9.53 2.72 -0.25
CA ASN A 309 -10.38 2.00 0.70
C ASN A 309 -9.50 1.04 1.47
N PRO A 310 -8.94 1.45 2.64
CA PRO A 310 -7.90 0.68 3.32
C PRO A 310 -8.44 -0.70 3.68
N LYS A 311 -7.61 -1.72 3.54
CA LYS A 311 -7.84 -3.00 4.18
C LYS A 311 -6.96 -3.15 5.44
N SER A 312 -7.35 -4.06 6.34
CA SER A 312 -6.78 -4.09 7.65
C SER A 312 -6.72 -5.51 8.24
N ALA A 313 -6.02 -5.60 9.37
CA ALA A 313 -5.84 -6.84 10.09
C ALA A 313 -5.61 -6.47 11.55
N ARG A 314 -5.95 -7.38 12.47
CA ARG A 314 -5.87 -7.11 13.87
C ARG A 314 -5.05 -8.22 14.49
N ALA A 315 -4.29 -7.87 15.53
CA ALA A 315 -3.48 -8.86 16.27
C ALA A 315 -3.61 -8.60 17.77
N GLN A 316 -3.90 -9.66 18.54
CA GLN A 316 -3.91 -9.60 20.01
C GLN A 316 -2.47 -9.54 20.51
N VAL A 317 -2.24 -8.71 21.54
CA VAL A 317 -0.98 -8.59 22.24
C VAL A 317 -1.25 -8.79 23.71
N VAL A 318 -0.41 -9.57 24.39
CA VAL A 318 -0.51 -9.71 25.83
C VAL A 318 0.83 -9.33 26.43
N VAL A 319 0.86 -8.27 27.22
CA VAL A 319 2.07 -7.90 27.91
C VAL A 319 1.97 -8.30 29.37
N THR A 320 2.81 -9.24 29.78
CA THR A 320 2.90 -9.65 31.18
C THR A 320 3.78 -8.65 31.94
N VAL A 321 3.23 -8.08 33.02
CA VAL A 321 3.94 -7.12 33.81
C VAL A 321 4.61 -7.88 34.97
N LYS A 322 5.91 -7.63 35.13
CA LYS A 322 6.79 -8.39 36.00
C LYS A 322 7.09 -7.57 37.24
N ASP A 323 7.11 -8.28 38.38
CA ASP A 323 7.15 -7.65 39.69
C ASP A 323 8.54 -7.11 40.01
N MET A 324 8.54 -5.93 40.63
CA MET A 324 9.66 -5.36 41.31
C MET A 324 9.24 -5.22 42.77
N ASN A 325 10.21 -5.35 43.69
CA ASN A 325 9.93 -5.16 45.08
C ASN A 325 9.86 -3.66 45.37
N ASP A 326 8.71 -3.04 45.07
CA ASP A 326 8.50 -1.60 45.27
C ASP A 326 7.44 -1.35 46.35
N ASN A 327 7.11 -2.37 47.17
CA ASN A 327 6.10 -2.27 48.24
C ASN A 327 6.65 -2.84 49.55
N ALA A 328 6.60 -2.01 50.59
CA ALA A 328 6.96 -2.44 51.91
C ALA A 328 5.80 -3.26 52.46
N PRO A 329 6.04 -4.23 53.37
CA PRO A 329 4.96 -4.95 53.99
C PRO A 329 4.16 -4.04 54.94
N THR A 330 2.93 -4.49 55.15
CA THR A 330 1.93 -3.91 55.96
C THR A 330 1.78 -4.79 57.19
N ILE A 331 1.79 -4.17 58.37
CA ILE A 331 1.45 -4.87 59.57
C ILE A 331 0.14 -4.26 60.08
N GLU A 332 -0.92 -5.07 60.03
CA GLU A 332 -2.23 -4.73 60.61
C GLU A 332 -2.34 -5.37 62.00
N ILE A 333 -2.67 -4.54 63.01
CA ILE A 333 -2.78 -4.95 64.41
C ILE A 333 -4.21 -4.71 64.88
N ARG A 334 -5.01 -5.77 65.08
CA ARG A 334 -6.41 -5.60 65.49
C ARG A 334 -6.72 -6.53 66.67
N GLY A 335 -7.92 -6.39 67.25
CA GLY A 335 -8.36 -7.18 68.41
C GLY A 335 -8.82 -8.58 68.01
N ILE A 336 -9.05 -9.45 69.01
CA ILE A 336 -9.84 -10.71 68.88
C ILE A 336 -10.78 -10.83 70.09
N GLY A 337 -11.88 -11.55 69.87
CA GLY A 337 -12.88 -11.83 70.88
C GLY A 337 -13.22 -10.60 71.70
N LEU A 338 -12.98 -10.69 73.02
CA LEU A 338 -13.34 -9.64 73.97
C LEU A 338 -12.26 -8.54 74.03
N VAL A 339 -10.99 -8.93 73.83
CA VAL A 339 -9.90 -7.94 73.86
C VAL A 339 -9.99 -7.09 72.59
N THR A 340 -10.06 -5.77 72.75
CA THR A 340 -10.39 -4.86 71.65
C THR A 340 -9.54 -3.61 71.72
N HIS A 341 -8.98 -3.20 70.59
CA HIS A 341 -8.08 -2.07 70.57
C HIS A 341 -8.89 -0.78 70.44
N GLN A 342 -8.33 0.30 71.00
CA GLN A 342 -8.84 1.65 70.82
C GLN A 342 -7.64 2.58 70.61
N ASP A 343 -7.63 3.29 69.46
CA ASP A 343 -6.61 4.29 69.08
C ASP A 343 -5.20 3.69 69.20
N GLY A 344 -5.06 2.41 68.82
CA GLY A 344 -3.80 1.68 68.85
C GLY A 344 -3.32 1.28 70.25
N MET A 345 -4.19 1.39 71.28
CA MET A 345 -3.85 0.87 72.65
C MET A 345 -4.93 -0.14 73.09
N ALA A 346 -4.56 -1.02 74.05
CA ALA A 346 -5.38 -2.17 74.45
C ALA A 346 -5.31 -2.39 75.97
N ASN A 347 -6.48 -2.71 76.56
CA ASN A 347 -6.67 -2.95 77.99
C ASN A 347 -6.65 -4.46 78.27
N ILE A 348 -5.56 -4.92 78.91
CA ILE A 348 -5.45 -6.30 79.36
C ILE A 348 -5.08 -6.27 80.85
N SER A 349 -5.79 -7.04 81.68
CA SER A 349 -5.63 -6.93 83.14
C SER A 349 -4.51 -7.85 83.64
N GLU A 350 -3.73 -7.32 84.60
CA GLU A 350 -2.69 -8.09 85.27
C GLU A 350 -3.33 -9.44 85.59
N ASP A 351 -2.53 -10.50 85.58
CA ASP A 351 -2.96 -11.78 86.10
C ASP A 351 -3.98 -12.34 85.11
N VAL A 352 -3.47 -12.75 83.95
CA VAL A 352 -4.20 -13.47 82.93
C VAL A 352 -3.23 -14.54 82.38
N ALA A 353 -3.75 -15.73 82.13
CA ALA A 353 -2.92 -16.90 81.86
C ALA A 353 -1.78 -16.55 80.87
N GLU A 354 -0.59 -17.03 81.22
CA GLU A 354 0.54 -17.14 80.28
C GLU A 354 0.05 -17.67 78.93
N GLU A 355 0.46 -17.00 77.85
CA GLU A 355 0.13 -17.32 76.44
C GLU A 355 -1.37 -17.11 76.15
N THR A 356 -2.04 -16.23 76.92
CA THR A 356 -3.30 -15.61 76.42
C THR A 356 -2.94 -14.53 75.39
N ALA A 357 -3.81 -14.41 74.37
CA ALA A 357 -3.54 -13.61 73.19
C ALA A 357 -4.14 -12.20 73.35
N VAL A 358 -3.28 -11.19 73.22
CA VAL A 358 -3.63 -9.80 73.45
C VAL A 358 -4.13 -9.15 72.15
N ALA A 359 -3.57 -9.57 71.01
CA ALA A 359 -3.94 -9.00 69.73
C ALA A 359 -3.75 -10.01 68.61
N LEU A 360 -4.33 -9.64 67.47
CA LEU A 360 -4.26 -10.33 66.20
C LEU A 360 -3.47 -9.48 65.21
N VAL A 361 -2.42 -10.09 64.65
CA VAL A 361 -1.48 -9.39 63.78
C VAL A 361 -1.56 -10.04 62.41
N GLN A 362 -1.92 -9.26 61.41
CA GLN A 362 -1.98 -9.72 60.02
C GLN A 362 -0.91 -8.99 59.23
N VAL A 363 -0.16 -9.73 58.41
CA VAL A 363 0.96 -9.17 57.66
C VAL A 363 0.84 -9.58 56.19
N SER A 364 1.08 -8.59 55.33
CA SER A 364 0.81 -8.65 53.90
C SER A 364 1.78 -7.75 53.14
N ASP A 365 1.96 -8.06 51.86
CA ASP A 365 2.85 -7.36 50.99
C ASP A 365 2.22 -7.35 49.61
N ARG A 366 2.04 -6.15 49.03
CA ARG A 366 1.33 -5.98 47.76
C ARG A 366 2.10 -6.57 46.56
N ASP A 367 3.37 -6.98 46.71
CA ASP A 367 4.20 -7.51 45.59
C ASP A 367 3.93 -9.01 45.43
N GLU A 368 4.88 -9.72 44.81
CA GLU A 368 4.67 -11.11 44.39
C GLU A 368 5.92 -11.97 44.62
N GLY A 369 5.68 -13.26 44.89
CA GLY A 369 6.72 -14.25 45.13
C GLY A 369 7.59 -13.87 46.30
N GLU A 370 8.91 -13.89 46.07
CA GLU A 370 9.94 -13.53 47.06
C GLU A 370 9.64 -12.11 47.59
N ASN A 371 9.29 -11.20 46.68
CA ASN A 371 9.18 -9.78 47.01
C ASN A 371 8.03 -9.53 47.99
N ALA A 372 7.17 -10.52 48.16
CA ALA A 372 6.08 -10.42 49.09
C ALA A 372 6.21 -11.46 50.22
N ALA A 373 7.30 -12.23 50.25
CA ALA A 373 7.47 -13.23 51.31
C ALA A 373 7.98 -12.53 52.58
N VAL A 374 7.18 -12.59 53.66
CA VAL A 374 7.41 -11.69 54.79
C VAL A 374 7.79 -12.48 56.04
N THR A 375 8.90 -12.07 56.66
CA THR A 375 9.24 -12.49 58.00
C THR A 375 8.80 -11.39 58.95
N CYS A 376 8.31 -11.81 60.09
CA CYS A 376 7.70 -10.92 61.01
C CYS A 376 8.17 -11.26 62.43
N VAL A 377 8.51 -10.25 63.23
CA VAL A 377 9.07 -10.55 64.55
C VAL A 377 8.94 -9.33 65.48
N VAL A 378 9.14 -9.61 66.78
CA VAL A 378 8.88 -8.67 67.91
C VAL A 378 10.21 -8.10 68.44
N ALA A 379 10.17 -6.83 68.86
CA ALA A 379 11.37 -6.00 68.97
C ALA A 379 12.17 -6.31 70.25
N GLY A 380 11.84 -5.61 71.34
CA GLY A 380 12.79 -5.45 72.45
C GLY A 380 12.86 -6.68 73.34
N ASP A 381 13.01 -6.43 74.64
CA ASP A 381 12.72 -7.39 75.68
C ASP A 381 11.33 -7.02 76.23
N VAL A 382 10.28 -7.62 75.66
CA VAL A 382 8.91 -7.52 76.18
C VAL A 382 8.33 -8.94 76.19
N PRO A 383 7.45 -9.27 77.17
CA PRO A 383 7.06 -10.67 77.42
C PRO A 383 5.96 -11.21 76.50
N PHE A 384 5.97 -10.75 75.23
CA PHE A 384 5.02 -11.13 74.15
C PHE A 384 5.75 -11.75 72.95
N GLN A 385 5.14 -12.77 72.34
CA GLN A 385 5.61 -13.29 71.06
C GLN A 385 4.44 -13.46 70.09
N LEU A 386 4.76 -13.92 68.88
CA LEU A 386 3.82 -14.15 67.80
C LEU A 386 3.70 -15.65 67.51
N ARG A 387 2.47 -16.14 67.37
CA ARG A 387 2.22 -17.54 66.97
C ARG A 387 1.40 -17.56 65.67
N GLN A 388 1.83 -18.38 64.69
CA GLN A 388 1.10 -18.51 63.45
C GLN A 388 -0.30 -19.01 63.81
N ALA A 389 -1.32 -18.33 63.30
CA ALA A 389 -2.69 -18.60 63.64
C ALA A 389 -3.38 -19.40 62.52
N SER A 390 -2.97 -19.15 61.27
CA SER A 390 -3.71 -19.50 60.06
C SER A 390 -4.09 -20.98 60.06
N ASP A 395 1.23 -18.27 51.92
CA ASP A 395 2.28 -17.30 52.21
C ASP A 395 1.95 -15.98 51.49
N SER A 396 2.59 -14.89 51.97
CA SER A 396 2.48 -13.49 51.52
C SER A 396 1.31 -12.77 52.24
N LYS A 397 0.49 -13.54 52.97
CA LYS A 397 -0.43 -13.04 54.00
C LYS A 397 -0.34 -13.99 55.19
N LYS A 398 0.15 -13.48 56.32
CA LYS A 398 0.36 -14.29 57.50
C LYS A 398 -0.43 -13.69 58.66
N LYS A 399 -1.14 -14.56 59.39
CA LYS A 399 -1.95 -14.16 60.54
C LYS A 399 -1.33 -14.77 61.79
N TYR A 400 -1.11 -13.95 62.82
CA TYR A 400 -0.41 -14.30 64.04
C TYR A 400 -1.23 -13.85 65.27
N PHE A 401 -1.28 -14.71 66.28
CA PHE A 401 -1.66 -14.28 67.63
C PHE A 401 -0.46 -13.62 68.29
N LEU A 402 -0.68 -12.43 68.86
CA LEU A 402 0.30 -11.75 69.70
C LEU A 402 0.00 -12.13 71.17
N GLN A 403 0.74 -13.13 71.69
CA GLN A 403 0.40 -13.72 73.02
C GLN A 403 1.55 -13.52 74.01
N THR A 404 1.17 -13.46 75.30
CA THR A 404 2.07 -13.28 76.46
C THR A 404 2.97 -14.52 76.66
N THR A 405 4.22 -14.24 77.08
CA THR A 405 5.30 -15.22 77.34
C THR A 405 5.36 -15.59 78.84
N THR A 406 4.90 -14.65 79.68
CA THR A 406 4.98 -14.76 81.13
C THR A 406 3.63 -14.38 81.73
N PRO A 407 3.39 -14.65 83.04
CA PRO A 407 2.30 -14.01 83.76
C PRO A 407 2.63 -12.53 84.02
N LEU A 408 1.59 -11.70 84.15
CA LEU A 408 1.71 -10.25 84.38
C LEU A 408 1.22 -9.93 85.80
N ASP A 409 2.04 -9.18 86.56
CA ASP A 409 1.55 -8.48 87.75
C ASP A 409 1.78 -6.98 87.54
N TYR A 410 0.93 -6.17 88.19
CA TYR A 410 0.99 -4.70 88.21
C TYR A 410 2.25 -4.21 88.95
N GLU A 411 3.21 -5.12 89.20
CA GLU A 411 4.55 -4.83 89.78
C GLU A 411 5.21 -3.66 89.04
N LYS A 412 5.52 -3.86 87.76
CA LYS A 412 6.14 -2.82 86.95
C LYS A 412 5.58 -2.93 85.52
N VAL A 413 4.40 -2.33 85.30
CA VAL A 413 3.55 -2.56 84.10
C VAL A 413 2.56 -1.40 83.91
N LYS A 414 1.72 -1.50 82.85
CA LYS A 414 0.90 -0.43 82.24
C LYS A 414 1.78 0.38 81.27
N ASP A 415 2.99 -0.17 81.06
CA ASP A 415 4.06 0.38 80.26
C ASP A 415 4.55 -0.82 79.44
N TYR A 416 3.75 -1.16 78.42
CA TYR A 416 4.12 -2.10 77.41
C TYR A 416 3.80 -1.49 76.04
N THR A 417 4.85 -1.04 75.34
CA THR A 417 4.77 -0.66 73.94
C THR A 417 5.40 -1.79 73.14
N ILE A 418 4.57 -2.65 72.53
CA ILE A 418 5.04 -3.79 71.74
C ILE A 418 5.23 -3.34 70.28
N GLU A 419 6.43 -3.60 69.76
CA GLU A 419 6.86 -3.12 68.47
C GLU A 419 7.09 -4.34 67.57
N ILE A 420 6.29 -4.40 66.49
CA ILE A 420 6.32 -5.44 65.47
C ILE A 420 7.12 -4.93 64.28
N VAL A 421 7.97 -5.81 63.74
CA VAL A 421 8.81 -5.49 62.59
C VAL A 421 8.62 -6.59 61.55
N ALA A 422 8.49 -6.18 60.28
CA ALA A 422 8.32 -7.15 59.21
C ALA A 422 9.26 -6.79 58.05
N VAL A 423 9.78 -7.84 57.39
CA VAL A 423 10.64 -7.65 56.20
C VAL A 423 10.31 -8.65 55.10
N ASP A 424 10.47 -8.15 53.86
CA ASP A 424 10.44 -8.89 52.59
C ASP A 424 11.56 -9.92 52.46
N SER A 425 11.59 -10.57 51.27
CA SER A 425 12.76 -11.23 50.68
C SER A 425 13.13 -10.58 49.34
N GLY A 426 12.82 -9.31 49.19
CA GLY A 426 13.16 -8.58 47.99
C GLY A 426 14.60 -8.09 48.02
N ASN A 427 14.96 -7.37 46.95
CA ASN A 427 16.29 -6.90 46.73
C ASN A 427 16.27 -5.56 46.03
N PRO A 428 16.46 -4.45 46.76
CA PRO A 428 16.70 -4.48 48.20
C PRO A 428 15.47 -4.91 49.00
N PRO A 429 15.65 -5.45 50.23
CA PRO A 429 14.53 -5.90 51.06
C PRO A 429 13.82 -4.66 51.63
N LEU A 430 12.53 -4.76 51.91
CA LEU A 430 11.82 -3.65 52.52
C LEU A 430 11.27 -4.06 53.87
N SER A 431 11.17 -3.05 54.76
CA SER A 431 10.87 -3.18 56.17
C SER A 431 9.64 -2.36 56.51
N SER A 432 8.90 -2.86 57.49
CA SER A 432 7.86 -2.04 58.03
C SER A 432 7.77 -2.30 59.53
N THR A 433 7.24 -1.32 60.28
CA THR A 433 6.99 -1.47 61.73
C THR A 433 5.66 -0.82 62.15
N ASN A 434 4.97 -1.49 63.09
CA ASN A 434 3.79 -0.97 63.78
C ASN A 434 3.88 -1.43 65.24
N SER A 435 3.18 -0.73 66.13
CA SER A 435 3.25 -1.01 67.56
C SER A 435 1.85 -1.08 68.16
N LEU A 436 1.76 -1.66 69.36
CA LEU A 436 0.56 -1.72 70.20
C LEU A 436 0.94 -1.36 71.63
N LYS A 437 0.24 -0.39 72.25
CA LYS A 437 0.37 -0.13 73.71
C LYS A 437 -0.60 -1.06 74.45
N VAL A 438 -0.13 -1.81 75.45
CA VAL A 438 -1.08 -2.48 76.37
C VAL A 438 -1.00 -1.81 77.75
N GLN A 439 -2.16 -1.28 78.19
CA GLN A 439 -2.34 -0.83 79.57
C GLN A 439 -2.95 -1.99 80.34
N VAL A 440 -2.44 -2.20 81.56
CA VAL A 440 -2.86 -3.30 82.42
C VAL A 440 -3.87 -2.76 83.44
N VAL A 441 -4.40 -3.68 84.28
CA VAL A 441 -5.23 -3.36 85.47
C VAL A 441 -4.78 -4.27 86.62
N ASP A 442 -4.42 -3.65 87.75
CA ASP A 442 -3.98 -4.34 88.98
C ASP A 442 -5.15 -5.15 89.55
N VAL A 443 -4.82 -6.35 90.04
CA VAL A 443 -5.72 -7.26 90.74
C VAL A 443 -5.08 -7.58 92.11
N ASN A 444 -5.93 -7.77 93.13
CA ASN A 444 -5.52 -7.90 94.53
C ASN A 444 -4.53 -9.07 94.68
#